data_4P62
#
_entry.id   4P62
#
_cell.length_a   76.453
_cell.length_b   76.453
_cell.length_c   240.270
_cell.angle_alpha   90.00
_cell.angle_beta   90.00
_cell.angle_gamma   120.00
#
_symmetry.space_group_name_H-M   'P 61 2 2'
#
loop_
_entity.id
_entity.type
_entity.pdbx_description
1 polymer 'Metallo-beta-lactamase AIM-1'
2 non-polymer 'ZINC ION'
3 non-polymer 1,2-ETHANEDIOL
4 water water
#
_entity_poly.entity_id   1
_entity_poly.type   'polypeptide(L)'
_entity_poly.pdbx_seq_one_letter_code
;MKRRFTLLGSVVALALSSTALASDAPASRGCADDAGWNDPAMPQKVYGNTWYVGTCGISALLVTSDAGHILVDAATPQAG
PQILANIRALGFRPEDVRAIVLSHEHFDHAGSLAELQKATGAPVYARAPAIDTLKRGLPDRTDPQFEVAEPVAPVANIVT
LADDGVVSVGPLALTAVASPGHTPGGTSWTWRSCEGDDCRQMVYADSLTAISDDVYRYSDDAAHPGYLAAFRNTLARVAA
LDCDILVTPHPSASGLWNRIGPRAAAPLMDTTACRRYAQGARQRLEKRLAEEAAA
;
_entity_poly.pdbx_strand_id   A
#
loop_
_chem_comp.id
_chem_comp.type
_chem_comp.name
_chem_comp.formula
EDO non-polymer 1,2-ETHANEDIOL 'C2 H6 O2'
ZN non-polymer 'ZINC ION' 'Zn 2'
#
# COMPACT_ATOMS: atom_id res chain seq x y z
N ALA A 27 5.15 -26.98 -12.02
CA ALA A 27 4.72 -26.08 -10.90
C ALA A 27 5.60 -24.81 -10.86
N SER A 28 4.99 -23.62 -10.77
CA SER A 28 5.80 -22.38 -10.72
C SER A 28 6.60 -22.25 -9.40
N ARG A 29 7.68 -21.49 -9.49
CA ARG A 29 8.65 -21.29 -8.40
C ARG A 29 8.18 -20.25 -7.37
N GLY A 30 7.28 -19.37 -7.80
CA GLY A 30 6.84 -18.24 -6.99
C GLY A 30 7.97 -17.24 -6.79
N CYS A 31 7.77 -16.35 -5.82
CA CYS A 31 8.55 -15.14 -5.63
C CYS A 31 9.64 -15.31 -4.55
N ALA A 32 10.80 -14.67 -4.70
CA ALA A 32 11.71 -14.48 -3.51
C ALA A 32 11.31 -13.32 -2.57
N ASP A 33 11.78 -13.32 -1.32
CA ASP A 33 11.50 -12.17 -0.40
C ASP A 33 12.35 -10.94 -0.69
N ASP A 34 13.45 -11.14 -1.43
CA ASP A 34 14.34 -10.04 -1.88
C ASP A 34 14.05 -9.64 -3.35
N ALA A 35 12.85 -9.95 -3.83
CA ALA A 35 12.59 -9.94 -5.26
C ALA A 35 12.61 -8.52 -5.69
N GLY A 36 13.02 -8.33 -6.94
CA GLY A 36 13.05 -7.02 -7.53
C GLY A 36 11.66 -6.43 -7.52
N TRP A 37 11.60 -5.12 -7.39
CA TRP A 37 10.32 -4.45 -7.37
C TRP A 37 9.59 -4.70 -8.68
N ASN A 38 10.33 -5.06 -9.73
CA ASN A 38 9.63 -5.23 -10.99
C ASN A 38 9.62 -6.64 -11.50
N ASP A 39 10.08 -7.61 -10.71
CA ASP A 39 10.03 -8.98 -11.04
C ASP A 39 8.53 -9.46 -11.05
N PRO A 40 8.07 -10.00 -12.19
CA PRO A 40 6.64 -10.41 -12.29
C PRO A 40 6.20 -11.52 -11.37
N ALA A 41 4.95 -11.40 -10.90
CA ALA A 41 4.30 -12.36 -10.03
C ALA A 41 3.05 -12.84 -10.78
N MET A 42 2.72 -14.12 -10.58
N MET A 42 2.72 -14.11 -10.58
CA MET A 42 1.52 -14.69 -11.14
CA MET A 42 1.53 -14.68 -11.18
C MET A 42 0.32 -14.07 -10.41
C MET A 42 0.32 -14.09 -10.43
N PRO A 43 -0.57 -13.39 -11.13
CA PRO A 43 -1.69 -12.88 -10.38
C PRO A 43 -2.61 -14.02 -9.85
N GLN A 44 -3.24 -13.75 -8.72
CA GLN A 44 -4.02 -14.79 -8.06
C GLN A 44 -4.90 -14.24 -6.96
N LYS A 45 -5.87 -15.07 -6.56
CA LYS A 45 -6.77 -14.71 -5.48
C LYS A 45 -6.01 -14.63 -4.19
N VAL A 46 -6.29 -13.61 -3.40
CA VAL A 46 -5.83 -13.62 -2.02
C VAL A 46 -6.94 -14.25 -1.16
N TYR A 47 -8.10 -13.63 -1.15
CA TYR A 47 -9.28 -14.18 -0.45
C TYR A 47 -10.51 -13.57 -1.03
N GLY A 48 -11.48 -14.40 -1.38
CA GLY A 48 -12.75 -13.93 -1.90
C GLY A 48 -12.63 -13.08 -3.16
N ASN A 49 -13.13 -11.86 -3.07
CA ASN A 49 -13.05 -10.91 -4.16
C ASN A 49 -11.82 -9.97 -4.06
N THR A 50 -10.84 -10.33 -3.21
CA THR A 50 -9.53 -9.62 -3.18
C THR A 50 -8.51 -10.44 -3.95
N TRP A 51 -7.96 -9.81 -5.00
CA TRP A 51 -6.98 -10.45 -5.92
C TRP A 51 -5.63 -9.73 -5.88
N TYR A 52 -4.54 -10.47 -6.04
CA TYR A 52 -3.20 -9.87 -6.13
C TYR A 52 -2.88 -9.66 -7.61
N VAL A 53 -2.54 -8.43 -7.99
CA VAL A 53 -2.19 -8.10 -9.36
C VAL A 53 -0.84 -7.30 -9.46
N GLY A 54 -0.03 -7.29 -8.39
CA GLY A 54 1.26 -6.62 -8.39
C GLY A 54 2.42 -7.45 -8.92
N THR A 55 3.61 -7.14 -8.39
CA THR A 55 4.83 -7.84 -8.72
C THR A 55 5.31 -8.66 -7.57
N CYS A 56 6.38 -9.45 -7.76
CA CYS A 56 6.99 -10.13 -6.65
C CYS A 56 7.46 -9.23 -5.50
N GLY A 57 7.91 -8.03 -5.84
CA GLY A 57 8.44 -7.08 -4.88
C GLY A 57 7.54 -5.97 -4.41
N ILE A 58 6.43 -5.72 -5.09
CA ILE A 58 5.56 -4.65 -4.78
C ILE A 58 4.09 -5.07 -4.98
N SER A 59 3.29 -4.86 -3.94
CA SER A 59 1.88 -5.20 -4.00
C SER A 59 1.02 -4.28 -4.85
N ALA A 60 -0.01 -4.87 -5.42
CA ALA A 60 -1.16 -4.16 -5.91
C ALA A 60 -2.36 -5.14 -5.81
N LEU A 61 -3.51 -4.61 -5.46
CA LEU A 61 -4.69 -5.48 -5.25
C LEU A 61 -5.85 -5.01 -6.07
N LEU A 62 -6.69 -5.97 -6.46
CA LEU A 62 -7.90 -5.68 -7.12
C LEU A 62 -9.05 -6.26 -6.31
N VAL A 63 -10.02 -5.43 -5.99
CA VAL A 63 -11.16 -5.81 -5.16
C VAL A 63 -12.35 -5.70 -6.11
N THR A 64 -13.00 -6.82 -6.38
CA THR A 64 -13.96 -6.90 -7.47
C THR A 64 -15.44 -6.98 -7.05
N SER A 65 -16.29 -6.50 -7.93
CA SER A 65 -17.75 -6.73 -7.79
C SER A 65 -18.37 -6.66 -9.14
N ASP A 66 -19.65 -7.00 -9.21
CA ASP A 66 -20.34 -6.90 -10.52
C ASP A 66 -20.78 -5.49 -10.78
N ALA A 67 -20.60 -4.61 -9.82
CA ALA A 67 -20.88 -3.19 -10.06
C ALA A 67 -19.60 -2.39 -10.34
N GLY A 68 -18.46 -3.02 -10.48
CA GLY A 68 -17.23 -2.26 -10.62
C GLY A 68 -16.22 -2.64 -9.58
N HIS A 69 -14.97 -2.25 -9.82
CA HIS A 69 -13.88 -2.71 -8.97
C HIS A 69 -13.12 -1.54 -8.33
N ILE A 70 -12.33 -1.87 -7.33
CA ILE A 70 -11.41 -0.89 -6.73
C ILE A 70 -10.00 -1.44 -6.88
N LEU A 71 -9.11 -0.62 -7.40
CA LEU A 71 -7.69 -0.98 -7.55
C LEU A 71 -6.90 -0.35 -6.42
N VAL A 72 -6.09 -1.15 -5.71
CA VAL A 72 -5.29 -0.70 -4.57
C VAL A 72 -3.82 -0.67 -5.04
N ASP A 73 -3.31 0.54 -5.18
CA ASP A 73 -1.92 0.85 -5.47
C ASP A 73 -1.55 0.69 -6.95
N ALA A 74 -0.37 1.24 -7.27
CA ALA A 74 0.11 1.29 -8.65
C ALA A 74 1.54 0.85 -8.83
N ALA A 75 2.17 0.35 -7.76
CA ALA A 75 3.51 -0.11 -7.76
C ALA A 75 4.43 0.97 -8.40
N THR A 76 5.45 0.53 -9.11
CA THR A 76 6.53 1.37 -9.58
C THR A 76 6.16 2.10 -10.91
N PRO A 77 7.01 3.06 -11.35
CA PRO A 77 6.69 3.62 -12.66
C PRO A 77 6.81 2.67 -13.85
N GLN A 78 7.42 1.55 -13.62
CA GLN A 78 7.62 0.55 -14.60
C GLN A 78 6.56 -0.57 -14.57
N ALA A 79 5.62 -0.52 -13.64
CA ALA A 79 4.80 -1.74 -13.40
C ALA A 79 3.42 -1.65 -13.96
N GLY A 80 3.04 -0.49 -14.48
CA GLY A 80 1.72 -0.27 -15.04
C GLY A 80 1.22 -1.35 -16.03
N PRO A 81 2.06 -1.67 -17.04
CA PRO A 81 1.61 -2.71 -17.98
C PRO A 81 1.45 -4.07 -17.32
N GLN A 82 2.27 -4.39 -16.34
CA GLN A 82 2.12 -5.65 -15.61
C GLN A 82 0.78 -5.68 -14.87
N ILE A 83 0.45 -4.59 -14.15
CA ILE A 83 -0.81 -4.52 -13.38
C ILE A 83 -1.99 -4.65 -14.34
N LEU A 84 -1.97 -3.97 -15.48
CA LEU A 84 -3.11 -4.11 -16.42
C LEU A 84 -3.27 -5.52 -17.00
N ALA A 85 -2.15 -6.16 -17.32
CA ALA A 85 -2.13 -7.53 -17.85
C ALA A 85 -2.59 -8.53 -16.82
N ASN A 86 -2.26 -8.21 -15.58
CA ASN A 86 -2.66 -9.05 -14.46
C ASN A 86 -4.16 -8.98 -14.14
N ILE A 87 -4.77 -7.81 -14.24
CA ILE A 87 -6.20 -7.65 -14.15
C ILE A 87 -6.90 -8.47 -15.24
N ARG A 88 -6.39 -8.36 -16.46
CA ARG A 88 -6.95 -9.13 -17.56
C ARG A 88 -6.74 -10.61 -17.49
N ALA A 89 -5.64 -11.08 -16.90
CA ALA A 89 -5.33 -12.45 -16.72
C ALA A 89 -6.38 -13.13 -15.85
N LEU A 90 -6.99 -12.35 -14.98
CA LEU A 90 -8.00 -12.84 -14.07
C LEU A 90 -9.39 -12.70 -14.70
N GLY A 91 -9.47 -12.12 -15.89
CA GLY A 91 -10.73 -11.94 -16.59
C GLY A 91 -11.52 -10.74 -16.19
N PHE A 92 -10.86 -9.74 -15.60
CA PHE A 92 -11.48 -8.48 -15.31
C PHE A 92 -10.96 -7.44 -16.30
N ARG A 93 -11.74 -6.41 -16.48
CA ARG A 93 -11.45 -5.33 -17.43
C ARG A 93 -11.02 -4.10 -16.63
N PRO A 94 -9.87 -3.55 -16.95
CA PRO A 94 -9.45 -2.29 -16.31
C PRO A 94 -10.51 -1.20 -16.40
N GLU A 95 -11.26 -1.17 -17.51
CA GLU A 95 -12.27 -0.14 -17.69
CA GLU A 95 -12.29 -0.13 -17.66
C GLU A 95 -13.41 -0.26 -16.64
N ASP A 96 -13.54 -1.41 -15.98
CA ASP A 96 -14.53 -1.61 -14.92
C ASP A 96 -14.06 -1.19 -13.50
N VAL A 97 -12.80 -0.78 -13.35
CA VAL A 97 -12.31 -0.17 -12.11
C VAL A 97 -12.92 1.20 -11.99
N ARG A 98 -13.58 1.48 -10.88
CA ARG A 98 -14.20 2.78 -10.64
C ARG A 98 -13.51 3.66 -9.64
N ALA A 99 -12.54 3.13 -8.90
CA ALA A 99 -11.78 3.90 -7.92
C ALA A 99 -10.38 3.31 -7.79
N ILE A 100 -9.38 4.16 -7.61
CA ILE A 100 -8.03 3.73 -7.34
C ILE A 100 -7.66 4.37 -6.01
N VAL A 101 -7.14 3.56 -5.10
CA VAL A 101 -6.65 4.04 -3.81
C VAL A 101 -5.15 3.80 -3.67
N LEU A 102 -4.51 4.52 -2.77
CA LEU A 102 -3.07 4.53 -2.62
C LEU A 102 -2.65 4.32 -1.14
N SER A 103 -1.63 3.49 -0.92
CA SER A 103 -0.97 3.39 0.40
C SER A 103 -0.19 4.69 0.64
N HIS A 104 0.89 4.91 -0.11
CA HIS A 104 1.66 6.12 0.10
C HIS A 104 2.37 6.60 -1.16
N GLU A 105 2.71 7.87 -1.12
CA GLU A 105 3.11 8.69 -2.26
C GLU A 105 4.61 8.56 -2.67
N HIS A 106 5.20 7.40 -2.45
CA HIS A 106 6.51 7.12 -2.93
C HIS A 106 6.41 6.52 -4.34
N PHE A 107 7.47 6.69 -5.09
CA PHE A 107 7.47 6.34 -6.52
C PHE A 107 7.27 4.83 -6.75
N ASP A 108 7.62 4.01 -5.77
CA ASP A 108 7.46 2.58 -5.85
C ASP A 108 6.05 2.10 -5.54
N HIS A 109 5.14 3.00 -5.19
CA HIS A 109 3.71 2.68 -5.06
C HIS A 109 2.73 3.50 -5.83
N ALA A 110 3.14 4.72 -6.16
CA ALA A 110 2.33 5.65 -6.89
C ALA A 110 2.81 5.75 -8.36
N GLY A 111 3.81 4.98 -8.73
CA GLY A 111 4.55 5.23 -9.94
C GLY A 111 3.72 5.11 -11.19
N SER A 112 2.79 4.14 -11.26
CA SER A 112 1.96 3.99 -12.47
CA SER A 112 1.94 3.98 -12.47
C SER A 112 0.54 4.53 -12.27
N LEU A 113 0.32 5.41 -11.25
CA LEU A 113 -1.06 5.87 -11.05
C LEU A 113 -1.69 6.56 -12.24
N ALA A 114 -0.96 7.46 -12.88
CA ALA A 114 -1.51 8.23 -13.93
C ALA A 114 -1.83 7.31 -15.11
N GLU A 115 -0.94 6.38 -15.36
CA GLU A 115 -1.16 5.38 -16.46
C GLU A 115 -2.41 4.57 -16.16
N LEU A 116 -2.57 4.14 -14.90
CA LEU A 116 -3.75 3.39 -14.51
C LEU A 116 -5.04 4.20 -14.56
N GLN A 117 -4.99 5.49 -14.20
CA GLN A 117 -6.13 6.35 -14.34
C GLN A 117 -6.57 6.43 -15.79
N LYS A 118 -5.60 6.52 -16.70
CA LYS A 118 -5.95 6.57 -18.17
C LYS A 118 -6.66 5.31 -18.63
N ALA A 119 -6.14 4.16 -18.24
CA ALA A 119 -6.76 2.88 -18.63
C ALA A 119 -8.09 2.58 -17.99
N THR A 120 -8.31 3.05 -16.76
CA THR A 120 -9.51 2.74 -16.05
C THR A 120 -10.55 3.82 -16.15
N GLY A 121 -10.13 5.06 -16.35
CA GLY A 121 -11.05 6.20 -16.17
C GLY A 121 -11.39 6.54 -14.73
N ALA A 122 -10.75 5.90 -13.76
CA ALA A 122 -11.16 6.02 -12.36
C ALA A 122 -10.44 7.18 -11.66
N PRO A 123 -11.13 7.90 -10.76
CA PRO A 123 -10.43 8.86 -9.91
C PRO A 123 -9.50 8.13 -8.95
N VAL A 124 -8.44 8.80 -8.52
CA VAL A 124 -7.53 8.32 -7.52
C VAL A 124 -7.90 9.04 -6.21
N TYR A 125 -8.00 8.28 -5.14
CA TYR A 125 -8.30 8.82 -3.80
C TYR A 125 -7.03 8.83 -2.95
N ALA A 126 -6.75 10.00 -2.36
CA ALA A 126 -5.62 10.18 -1.46
C ALA A 126 -5.94 11.21 -0.36
N ARG A 127 -5.20 11.11 0.72
CA ARG A 127 -5.32 12.08 1.82
C ARG A 127 -4.61 13.38 1.49
N ALA A 128 -5.04 14.47 2.15
CA ALA A 128 -4.48 15.80 1.94
C ALA A 128 -2.96 15.94 1.92
N PRO A 129 -2.24 15.27 2.85
CA PRO A 129 -0.79 15.43 2.85
C PRO A 129 -0.03 14.80 1.66
N ALA A 130 -0.72 13.99 0.87
CA ALA A 130 -0.14 13.31 -0.31
C ALA A 130 -0.43 14.04 -1.62
N ILE A 131 -1.38 14.95 -1.62
CA ILE A 131 -1.90 15.54 -2.89
C ILE A 131 -0.87 16.32 -3.71
N ASP A 132 -0.09 17.21 -3.06
CA ASP A 132 0.92 17.99 -3.80
C ASP A 132 1.92 17.07 -4.45
N THR A 133 2.36 16.02 -3.74
CA THR A 133 3.32 15.08 -4.31
C THR A 133 2.73 14.36 -5.55
N LEU A 134 1.46 13.98 -5.45
CA LEU A 134 0.77 13.28 -6.57
C LEU A 134 0.58 14.24 -7.74
N LYS A 135 0.41 15.51 -7.45
CA LYS A 135 0.25 16.51 -8.51
C LYS A 135 1.56 16.91 -9.18
N ARG A 136 2.65 16.94 -8.42
CA ARG A 136 3.97 17.26 -8.96
C ARG A 136 4.63 16.03 -9.58
N GLY A 137 4.33 14.82 -9.09
CA GLY A 137 5.13 13.66 -9.43
C GLY A 137 6.45 13.55 -8.69
N LEU A 138 6.60 14.40 -7.69
CA LEU A 138 7.78 14.41 -6.83
C LEU A 138 7.34 14.95 -5.45
N PRO A 139 7.94 14.44 -4.38
CA PRO A 139 7.65 14.95 -3.03
C PRO A 139 8.41 16.20 -2.71
N ASP A 140 8.17 16.73 -1.54
CA ASP A 140 8.97 17.83 -0.99
C ASP A 140 9.68 17.32 0.30
N ARG A 141 10.39 18.22 0.98
CA ARG A 141 11.17 17.87 2.13
C ARG A 141 10.37 17.25 3.28
N THR A 142 9.05 17.34 3.29
CA THR A 142 8.26 16.65 4.33
C THR A 142 8.43 15.11 4.25
N ASP A 143 8.81 14.61 3.08
CA ASP A 143 9.07 13.17 2.88
C ASP A 143 10.44 12.83 3.41
N PRO A 144 10.53 11.86 4.33
CA PRO A 144 11.79 11.40 4.83
C PRO A 144 12.77 11.02 3.74
N GLN A 145 12.24 10.55 2.59
CA GLN A 145 13.04 10.08 1.47
C GLN A 145 13.11 11.11 0.33
N PHE A 146 12.84 12.37 0.63
CA PHE A 146 12.82 13.41 -0.38
C PHE A 146 13.97 13.32 -1.38
N GLU A 147 15.22 13.22 -0.92
CA GLU A 147 16.33 13.39 -1.85
C GLU A 147 16.50 12.17 -2.77
N VAL A 148 15.89 11.02 -2.47
CA VAL A 148 16.08 9.84 -3.29
C VAL A 148 14.81 9.49 -4.10
N ALA A 149 13.89 10.42 -4.17
CA ALA A 149 12.66 10.20 -4.93
C ALA A 149 13.00 10.07 -6.43
N GLU A 150 12.26 9.24 -7.12
CA GLU A 150 12.28 9.21 -8.57
C GLU A 150 11.02 9.93 -9.10
N PRO A 151 11.14 10.62 -10.26
CA PRO A 151 10.04 11.36 -10.83
C PRO A 151 8.99 10.45 -11.38
N VAL A 152 7.74 10.82 -11.19
CA VAL A 152 6.69 10.07 -11.81
C VAL A 152 5.67 10.98 -12.46
N ALA A 153 4.83 10.37 -13.28
CA ALA A 153 3.75 11.12 -13.92
C ALA A 153 2.77 11.72 -12.93
N PRO A 154 2.49 13.04 -13.02
CA PRO A 154 1.43 13.65 -12.27
C PRO A 154 0.08 12.99 -12.45
N VAL A 155 -0.71 12.95 -11.39
CA VAL A 155 -2.05 12.44 -11.43
C VAL A 155 -3.02 13.56 -11.67
N ALA A 156 -3.82 13.46 -12.75
CA ALA A 156 -4.73 14.53 -13.15
C ALA A 156 -5.99 14.66 -12.30
N ASN A 157 -6.60 13.54 -11.91
CA ASN A 157 -7.87 13.59 -11.22
C ASN A 157 -7.77 12.89 -9.86
N ILE A 158 -7.62 13.68 -8.82
CA ILE A 158 -7.49 13.13 -7.43
C ILE A 158 -8.62 13.65 -6.58
N VAL A 159 -9.27 12.75 -5.85
CA VAL A 159 -10.27 13.08 -4.89
C VAL A 159 -9.60 13.08 -3.51
N THR A 160 -9.63 14.22 -2.80
CA THR A 160 -9.05 14.28 -1.46
C THR A 160 -9.96 13.59 -0.49
N LEU A 161 -9.44 12.60 0.18
CA LEU A 161 -10.22 11.82 1.07
C LEU A 161 -9.89 12.19 2.50
N ALA A 162 -10.95 12.28 3.29
CA ALA A 162 -10.85 12.52 4.72
C ALA A 162 -10.17 11.36 5.39
N ASP A 163 -9.56 11.68 6.50
CA ASP A 163 -8.76 10.74 7.22
C ASP A 163 -9.40 9.42 7.69
N ASP A 164 -10.72 9.27 7.79
CA ASP A 164 -11.39 7.92 7.98
C ASP A 164 -12.52 7.79 6.90
N GLY A 165 -12.31 8.39 5.74
CA GLY A 165 -13.32 8.33 4.68
C GLY A 165 -13.46 6.93 4.08
N VAL A 166 -14.51 6.71 3.34
CA VAL A 166 -14.81 5.38 2.79
C VAL A 166 -14.96 5.55 1.27
N VAL A 167 -14.29 4.69 0.53
CA VAL A 167 -14.37 4.66 -0.94
C VAL A 167 -15.34 3.53 -1.25
N SER A 168 -16.45 3.91 -1.91
CA SER A 168 -17.54 3.04 -2.19
C SER A 168 -17.72 2.85 -3.66
N VAL A 169 -17.77 1.59 -4.08
CA VAL A 169 -18.08 1.22 -5.46
C VAL A 169 -19.06 0.07 -5.42
N GLY A 170 -20.32 0.31 -5.81
CA GLY A 170 -21.32 -0.76 -5.69
C GLY A 170 -21.37 -1.30 -4.29
N PRO A 171 -21.24 -2.62 -4.10
CA PRO A 171 -21.24 -3.18 -2.77
C PRO A 171 -19.91 -3.09 -2.02
N LEU A 172 -18.88 -2.54 -2.65
CA LEU A 172 -17.55 -2.48 -2.03
C LEU A 172 -17.40 -1.20 -1.20
N ALA A 173 -16.70 -1.31 -0.09
CA ALA A 173 -16.46 -0.20 0.81
C ALA A 173 -15.09 -0.37 1.43
N LEU A 174 -14.15 0.50 1.03
CA LEU A 174 -12.81 0.47 1.56
C LEU A 174 -12.63 1.68 2.46
N THR A 175 -12.26 1.43 3.70
CA THR A 175 -12.04 2.49 4.71
C THR A 175 -10.59 2.87 4.88
N ALA A 176 -10.32 4.18 4.86
CA ALA A 176 -9.00 4.74 5.06
C ALA A 176 -8.68 4.84 6.51
N VAL A 177 -7.45 4.44 6.86
CA VAL A 177 -6.89 4.57 8.21
C VAL A 177 -5.59 5.38 8.05
N ALA A 178 -5.62 6.66 8.41
CA ALA A 178 -4.47 7.54 8.26
C ALA A 178 -3.24 6.91 8.92
N SER A 179 -2.15 6.81 8.18
CA SER A 179 -0.99 6.12 8.64
C SER A 179 0.31 6.91 8.35
N PRO A 180 0.36 8.18 8.76
CA PRO A 180 1.59 8.96 8.56
C PRO A 180 2.77 8.40 9.31
N GLY A 181 3.96 8.63 8.79
CA GLY A 181 5.21 8.31 9.44
C GLY A 181 6.28 7.95 8.44
N HIS A 182 6.06 6.85 7.73
CA HIS A 182 6.97 6.52 6.67
C HIS A 182 6.90 7.64 5.59
N THR A 183 5.71 8.20 5.40
CA THR A 183 5.51 9.44 4.64
C THR A 183 4.43 10.25 5.33
N PRO A 184 4.32 11.53 4.96
CA PRO A 184 3.23 12.35 5.49
C PRO A 184 1.86 11.90 5.08
N GLY A 185 1.75 11.35 3.87
CA GLY A 185 0.46 11.00 3.34
C GLY A 185 0.04 9.55 3.48
N GLY A 186 0.76 8.76 4.24
CA GLY A 186 0.55 7.33 4.30
C GLY A 186 -0.82 6.94 4.78
N THR A 187 -1.38 5.91 4.15
CA THR A 187 -2.74 5.50 4.41
C THR A 187 -2.82 4.00 4.39
N SER A 188 -3.44 3.40 5.42
CA SER A 188 -3.76 1.97 5.40
C SER A 188 -5.24 1.83 4.99
N TRP A 189 -5.62 0.62 4.54
CA TRP A 189 -6.96 0.41 4.03
C TRP A 189 -7.54 -0.86 4.59
N THR A 190 -8.82 -0.82 4.90
CA THR A 190 -9.47 -2.01 5.39
C THR A 190 -10.85 -2.22 4.77
N TRP A 191 -11.21 -3.48 4.58
CA TRP A 191 -12.49 -3.88 4.00
C TRP A 191 -12.75 -5.35 4.30
N ARG A 192 -13.95 -5.81 3.95
CA ARG A 192 -14.36 -7.17 4.15
C ARG A 192 -14.50 -7.90 2.84
N SER A 193 -13.94 -9.11 2.79
CA SER A 193 -14.07 -10.00 1.65
C SER A 193 -14.60 -11.32 2.13
N CYS A 194 -15.50 -11.91 1.34
CA CYS A 194 -16.15 -13.15 1.71
C CYS A 194 -15.96 -14.25 0.68
N GLU A 195 -15.78 -15.49 1.14
CA GLU A 195 -15.92 -16.72 0.35
C GLU A 195 -17.16 -17.42 0.95
N GLY A 196 -18.25 -17.42 0.21
CA GLY A 196 -19.55 -17.79 0.79
C GLY A 196 -19.87 -16.91 1.98
N ASP A 197 -20.22 -17.55 3.10
CA ASP A 197 -20.54 -16.83 4.34
C ASP A 197 -19.34 -16.62 5.27
N ASP A 198 -18.14 -17.05 4.85
CA ASP A 198 -16.93 -16.86 5.65
C ASP A 198 -16.26 -15.56 5.19
N CYS A 199 -16.45 -14.53 5.97
CA CYS A 199 -16.05 -13.18 5.64
C CYS A 199 -14.95 -12.69 6.56
N ARG A 200 -13.97 -12.05 5.94
CA ARG A 200 -12.74 -11.72 6.64
C ARG A 200 -12.40 -10.27 6.50
N GLN A 201 -11.84 -9.70 7.57
CA GLN A 201 -11.45 -8.32 7.56
C GLN A 201 -10.02 -8.28 6.99
N MET A 202 -9.95 -7.70 5.81
CA MET A 202 -8.71 -7.50 5.11
C MET A 202 -8.10 -6.19 5.58
N VAL A 203 -6.78 -6.24 5.79
CA VAL A 203 -6.06 -5.03 6.10
C VAL A 203 -4.85 -4.90 5.16
N TYR A 204 -4.84 -3.80 4.42
CA TYR A 204 -3.65 -3.41 3.63
C TYR A 204 -3.00 -2.30 4.44
N ALA A 205 -2.11 -2.73 5.33
CA ALA A 205 -1.45 -1.82 6.19
C ALA A 205 -0.24 -1.18 5.50
N ASP A 206 -0.16 0.14 5.56
CA ASP A 206 0.95 0.84 4.93
C ASP A 206 2.30 0.48 5.50
N SER A 207 3.34 0.81 4.72
CA SER A 207 4.68 0.69 5.16
C SER A 207 4.88 1.51 6.46
N LEU A 208 5.67 0.92 7.34
CA LEU A 208 5.97 1.45 8.67
C LEU A 208 7.46 1.55 8.94
N THR A 209 8.26 1.45 7.87
CA THR A 209 9.72 1.45 7.99
C THR A 209 10.21 2.90 8.21
N ALA A 210 11.13 3.07 9.14
CA ALA A 210 11.63 4.38 9.48
C ALA A 210 12.92 4.60 8.66
N ILE A 211 12.74 4.69 7.34
CA ILE A 211 13.82 4.79 6.36
C ILE A 211 13.81 6.25 5.91
N SER A 212 14.93 6.69 5.34
CA SER A 212 15.05 8.11 4.94
C SER A 212 16.14 8.22 3.89
N ASP A 213 16.28 9.43 3.36
CA ASP A 213 17.45 9.75 2.62
C ASP A 213 18.64 10.01 3.59
N ASP A 214 19.76 10.52 3.06
CA ASP A 214 20.98 10.63 3.87
C ASP A 214 20.93 11.82 4.81
N VAL A 215 19.97 12.69 4.65
CA VAL A 215 19.93 13.95 5.37
C VAL A 215 18.89 13.93 6.51
N TYR A 216 17.74 13.29 6.29
CA TYR A 216 16.58 13.46 7.17
C TYR A 216 16.87 12.86 8.58
N ARG A 217 16.31 13.47 9.60
CA ARG A 217 16.45 13.01 11.02
C ARG A 217 15.09 12.99 11.66
N TYR A 218 14.55 11.78 11.90
CA TYR A 218 13.29 11.65 12.55
C TYR A 218 13.29 12.38 13.92
N SER A 219 14.44 12.40 14.59
CA SER A 219 14.57 12.95 15.91
C SER A 219 14.62 14.51 15.93
N ASP A 220 14.65 15.14 14.74
CA ASP A 220 14.75 16.61 14.69
C ASP A 220 13.38 17.19 14.61
N ASP A 221 12.70 17.22 15.76
CA ASP A 221 11.35 17.63 15.76
C ASP A 221 11.17 19.07 15.29
N ALA A 222 12.18 19.93 15.53
CA ALA A 222 12.01 21.35 15.13
C ALA A 222 11.88 21.47 13.57
N ALA A 223 12.54 20.58 12.85
CA ALA A 223 12.43 20.52 11.38
C ALA A 223 11.06 20.00 10.88
N HIS A 224 10.29 19.38 11.75
CA HIS A 224 8.99 18.78 11.35
C HIS A 224 8.18 18.48 12.59
N PRO A 225 7.56 19.53 13.19
CA PRO A 225 7.06 19.32 14.56
C PRO A 225 5.90 18.37 14.64
N GLY A 226 5.99 17.37 15.52
CA GLY A 226 4.92 16.46 15.65
C GLY A 226 4.97 15.26 14.74
N TYR A 227 5.87 15.25 13.80
CA TYR A 227 5.92 14.19 12.79
C TYR A 227 6.18 12.79 13.37
N LEU A 228 7.17 12.71 14.23
CA LEU A 228 7.56 11.47 14.85
C LEU A 228 6.51 11.00 15.82
N ALA A 229 5.89 11.92 16.55
CA ALA A 229 4.79 11.52 17.41
C ALA A 229 3.62 10.90 16.64
N ALA A 230 3.31 11.50 15.49
CA ALA A 230 2.27 10.97 14.64
C ALA A 230 2.66 9.55 14.10
N PHE A 231 3.93 9.32 13.79
CA PHE A 231 4.42 7.98 13.41
C PHE A 231 4.15 6.99 14.54
N ARG A 232 4.49 7.38 15.78
CA ARG A 232 4.14 6.53 16.92
C ARG A 232 2.64 6.29 17.06
N ASN A 233 1.81 7.29 16.84
CA ASN A 233 0.39 7.16 16.88
CA ASN A 233 0.38 7.12 16.88
C ASN A 233 -0.10 6.17 15.80
N THR A 234 0.50 6.27 14.61
CA THR A 234 0.18 5.33 13.55
C THR A 234 0.44 3.88 13.95
N LEU A 235 1.60 3.61 14.56
CA LEU A 235 1.93 2.24 15.01
C LEU A 235 0.81 1.72 15.94
N ALA A 236 0.35 2.56 16.87
CA ALA A 236 -0.70 2.16 17.81
C ALA A 236 -1.99 1.92 17.07
N ARG A 237 -2.33 2.77 16.09
CA ARG A 237 -3.56 2.62 15.38
C ARG A 237 -3.60 1.33 14.57
N VAL A 238 -2.52 1.04 13.84
CA VAL A 238 -2.45 -0.17 13.03
C VAL A 238 -2.50 -1.42 13.95
N ALA A 239 -1.76 -1.36 15.06
CA ALA A 239 -1.80 -2.47 16.03
C ALA A 239 -3.19 -2.82 16.54
N ALA A 240 -4.08 -1.83 16.60
CA ALA A 240 -5.41 -2.01 17.12
C ALA A 240 -6.45 -2.40 16.09
N LEU A 241 -6.10 -2.45 14.81
CA LEU A 241 -7.14 -2.83 13.83
C LEU A 241 -7.62 -4.26 13.97
N ASP A 242 -8.91 -4.46 13.77
CA ASP A 242 -9.44 -5.82 13.55
C ASP A 242 -8.79 -6.33 12.24
N CYS A 243 -8.13 -7.48 12.29
CA CYS A 243 -7.19 -7.80 11.23
C CYS A 243 -7.25 -9.31 11.05
N ASP A 244 -7.89 -9.81 10.01
CA ASP A 244 -7.88 -11.24 9.77
C ASP A 244 -6.80 -11.62 8.75
N ILE A 245 -6.68 -10.86 7.67
CA ILE A 245 -5.66 -11.11 6.65
C ILE A 245 -4.92 -9.80 6.33
N LEU A 246 -3.65 -9.78 6.67
CA LEU A 246 -2.77 -8.65 6.43
C LEU A 246 -2.03 -8.77 5.09
N VAL A 247 -1.98 -7.65 4.36
CA VAL A 247 -1.17 -7.51 3.17
C VAL A 247 -0.47 -6.17 3.33
N THR A 248 0.77 -6.06 2.80
CA THR A 248 1.51 -4.83 2.89
C THR A 248 2.07 -4.41 1.50
N PRO A 249 2.35 -3.11 1.32
CA PRO A 249 2.89 -2.63 0.02
C PRO A 249 4.16 -3.35 -0.41
N HIS A 250 5.06 -3.66 0.50
CA HIS A 250 6.12 -4.60 0.18
C HIS A 250 5.65 -5.95 0.74
N PRO A 251 5.40 -6.92 -0.14
CA PRO A 251 4.76 -8.14 0.38
C PRO A 251 5.55 -8.88 1.43
N SER A 252 6.88 -8.81 1.37
CA SER A 252 7.71 -9.49 2.33
C SER A 252 7.59 -8.92 3.74
N ALA A 253 7.15 -7.65 3.87
CA ALA A 253 6.98 -7.02 5.20
C ALA A 253 5.87 -7.74 6.03
N SER A 254 4.98 -8.48 5.39
CA SER A 254 3.96 -9.29 6.07
C SER A 254 4.08 -10.76 5.74
N GLY A 255 5.22 -11.18 5.19
CA GLY A 255 5.42 -12.60 4.84
C GLY A 255 4.43 -13.13 3.81
N LEU A 256 3.96 -12.27 2.89
CA LEU A 256 2.89 -12.64 2.01
C LEU A 256 3.19 -13.92 1.23
N TRP A 257 4.43 -14.03 0.73
CA TRP A 257 4.78 -15.18 -0.10
C TRP A 257 5.06 -16.44 0.72
N ASN A 258 5.02 -16.36 2.05
CA ASN A 258 4.95 -17.56 2.90
C ASN A 258 3.50 -17.96 3.22
N ARG A 259 2.54 -17.24 2.68
CA ARG A 259 1.16 -17.45 2.97
C ARG A 259 0.28 -17.66 1.76
N ILE A 260 0.63 -17.11 0.60
CA ILE A 260 -0.10 -17.46 -0.65
C ILE A 260 0.95 -17.80 -1.71
N GLY A 261 0.53 -18.53 -2.74
CA GLY A 261 1.41 -18.88 -3.84
C GLY A 261 2.25 -20.11 -3.59
N PRO A 262 3.18 -20.40 -4.51
CA PRO A 262 3.85 -21.71 -4.51
C PRO A 262 4.70 -22.01 -3.28
N ARG A 263 5.18 -20.98 -2.60
CA ARG A 263 6.11 -21.23 -1.48
C ARG A 263 5.36 -21.16 -0.15
N ALA A 264 4.03 -21.12 -0.17
CA ALA A 264 3.30 -20.93 1.10
C ALA A 264 3.45 -22.07 2.10
N ALA A 265 3.78 -21.73 3.32
CA ALA A 265 3.88 -22.67 4.43
C ALA A 265 3.25 -22.16 5.74
N ALA A 266 2.73 -20.93 5.79
CA ALA A 266 2.07 -20.44 7.02
C ALA A 266 0.65 -20.03 6.65
N PRO A 267 -0.24 -19.90 7.65
CA PRO A 267 -1.63 -19.64 7.25
C PRO A 267 -1.84 -18.25 6.65
N LEU A 268 -2.78 -18.17 5.73
CA LEU A 268 -3.16 -16.87 5.19
C LEU A 268 -3.76 -15.96 6.27
N MET A 269 -4.67 -16.52 7.06
CA MET A 269 -5.36 -15.76 8.15
C MET A 269 -4.61 -15.88 9.46
N ASP A 270 -4.34 -14.74 10.08
CA ASP A 270 -3.65 -14.70 11.36
C ASP A 270 -4.12 -13.43 11.99
N THR A 271 -5.01 -13.52 12.99
CA THR A 271 -5.54 -12.33 13.64
C THR A 271 -4.53 -11.55 14.47
N THR A 272 -3.33 -12.07 14.65
CA THR A 272 -2.27 -11.36 15.35
C THR A 272 -1.40 -10.55 14.44
N ALA A 273 -1.60 -10.72 13.13
CA ALA A 273 -0.65 -10.12 12.19
C ALA A 273 -0.43 -8.60 12.28
N CYS A 274 -1.46 -7.79 12.38
CA CYS A 274 -1.30 -6.35 12.52
C CYS A 274 -0.56 -5.96 13.76
N ARG A 275 -0.89 -6.62 14.84
CA ARG A 275 -0.21 -6.34 16.11
C ARG A 275 1.29 -6.61 15.99
N ARG A 276 1.64 -7.77 15.43
CA ARG A 276 3.02 -8.14 15.33
C ARG A 276 3.75 -7.24 14.34
N TYR A 277 3.04 -6.87 13.28
CA TYR A 277 3.62 -5.97 12.28
C TYR A 277 3.98 -4.61 12.92
N ALA A 278 3.03 -4.01 13.61
CA ALA A 278 3.25 -2.74 14.27
C ALA A 278 4.29 -2.81 15.38
N GLN A 279 4.27 -3.87 16.18
CA GLN A 279 5.28 -4.05 17.26
C GLN A 279 6.69 -4.18 16.71
N GLY A 280 6.88 -4.98 15.65
CA GLY A 280 8.17 -5.08 14.95
C GLY A 280 8.59 -3.70 14.40
N ALA A 281 7.63 -2.96 13.81
CA ALA A 281 7.96 -1.60 13.31
C ALA A 281 8.33 -0.61 14.43
N ARG A 282 7.68 -0.73 15.58
CA ARG A 282 8.07 0.08 16.75
C ARG A 282 9.48 -0.18 17.15
N GLN A 283 9.87 -1.45 17.23
CA GLN A 283 11.24 -1.78 17.60
C GLN A 283 12.25 -1.24 16.59
N ARG A 284 11.93 -1.40 15.31
CA ARG A 284 12.79 -0.84 14.29
C ARG A 284 12.82 0.69 14.29
N LEU A 285 11.72 1.34 14.63
CA LEU A 285 11.69 2.80 14.74
C LEU A 285 12.65 3.22 15.86
N GLU A 286 12.56 2.52 16.97
CA GLU A 286 13.42 2.82 18.11
C GLU A 286 14.88 2.58 17.82
N LYS A 287 15.19 1.57 17.03
CA LYS A 287 16.55 1.37 16.58
C LYS A 287 17.03 2.48 15.68
N ARG A 288 16.15 2.99 14.80
CA ARG A 288 16.49 4.18 13.99
C ARG A 288 16.82 5.37 14.91
N LEU A 289 16.00 5.59 15.94
CA LEU A 289 16.29 6.66 16.91
C LEU A 289 17.66 6.48 17.59
N ALA A 290 18.01 5.26 17.95
CA ALA A 290 19.31 5.01 18.54
C ALA A 290 20.42 5.31 17.55
N GLU A 291 20.23 4.92 16.27
CA GLU A 291 21.22 5.24 15.23
C GLU A 291 21.43 6.74 15.07
N GLU A 292 20.36 7.50 15.09
CA GLU A 292 20.46 8.94 14.96
C GLU A 292 21.21 9.54 16.19
N ALA A 293 20.92 9.00 17.36
CA ALA A 293 21.61 9.47 18.57
C ALA A 293 23.12 9.23 18.48
N ALA A 294 23.52 8.18 17.83
CA ALA A 294 24.91 7.82 17.75
C ALA A 294 25.68 8.54 16.66
N ALA A 295 25.00 9.23 15.77
CA ALA A 295 25.70 9.78 14.57
C ALA A 295 25.31 11.23 14.22
ZN ZN B . 7.77 4.16 0.84
ZN ZN C . 7.91 1.09 -0.91
ZN ZN D . -11.12 -10.34 13.69
C1 EDO E . -13.98 -13.08 10.30
O1 EDO E . -13.14 -12.11 11.07
C2 EDO E . -13.39 -14.48 10.04
O2 EDO E . -14.27 -15.57 9.56
#